data_8QZK
#
_entry.id   8QZK
#
_cell.length_a   109.541
_cell.length_b   109.541
_cell.length_c   62.094
_cell.angle_alpha   90.000
_cell.angle_beta   90.000
_cell.angle_gamma   120.000
#
_symmetry.space_group_name_H-M   'P 61'
#
loop_
_entity.id
_entity.type
_entity.pdbx_description
1 polymer ENDO-ALPHA-N-ACETYLGALACTOSAMINIDASE
2 water water
#
_entity_poly.entity_id   1
_entity_poly.type   'polypeptide(L)'
_entity_poly.pdbx_seq_one_letter_code
;MGEPAKIYINLGVQAPGPFGGGTPEEVAATLDRVKAAAPGIGIIVDLDEGSGVHRDSDHVRLYPEGAGRYTLAEEQAIVD
HAKALGAEICYHLNLTVFLPTDPVSEEERAAAKPVWTWTGLHHCIPKEKLLETLLPQKLDELEAAFPGKLDYVYLDRLFD
GRCYDLTDEEVRYVLDLIKERGLGIKIESTKYLDTILESGVKVLVDEAVSEKNFDTGKAKVLDPKLFEKYPDLITVEVLY
ESIETIERALAAGVRNIAIHFGGYGVVSQLDEILDGVRAITENILALASAGSGHHHHHH
;
_entity_poly.pdbx_strand_id   AA13
#
# COMPACT_ATOMS: atom_id res chain seq x y z
N GLU A 3 -13.47 19.14 -10.36
CA GLU A 3 -12.33 18.61 -11.09
C GLU A 3 -12.47 17.11 -11.29
N PRO A 4 -11.91 16.59 -12.38
CA PRO A 4 -11.96 15.14 -12.63
C PRO A 4 -11.31 14.35 -11.50
N ALA A 5 -11.71 13.09 -11.39
CA ALA A 5 -11.21 12.21 -10.35
C ALA A 5 -9.93 11.51 -10.81
N LYS A 6 -9.21 10.95 -9.84
CA LYS A 6 -7.94 10.29 -10.10
C LYS A 6 -8.13 8.78 -10.17
N ILE A 7 -7.27 8.13 -10.97
CA ILE A 7 -7.35 6.70 -11.21
C ILE A 7 -5.96 6.09 -11.01
N TYR A 8 -5.91 4.94 -10.34
CA TYR A 8 -4.65 4.25 -10.11
C TYR A 8 -4.86 2.75 -10.31
N ILE A 9 -3.77 2.07 -10.62
CA ILE A 9 -3.74 0.63 -10.81
C ILE A 9 -2.92 0.06 -9.67
N ASN A 10 -3.60 -0.42 -8.62
CA ASN A 10 -2.90 -1.01 -7.50
C ASN A 10 -2.25 -2.32 -7.94
N LEU A 11 -0.92 -2.38 -7.84
CA LEU A 11 -0.14 -3.49 -8.37
C LEU A 11 0.66 -4.13 -7.25
N GLY A 12 0.59 -5.46 -7.16
CA GLY A 12 1.35 -6.22 -6.18
C GLY A 12 2.64 -6.73 -6.80
N VAL A 13 3.73 -6.56 -6.05
CA VAL A 13 5.06 -6.97 -6.49
C VAL A 13 5.72 -7.76 -5.36
N GLN A 14 6.19 -8.97 -5.68
CA GLN A 14 6.89 -9.80 -4.71
C GLN A 14 8.08 -10.46 -5.39
N ALA A 15 8.98 -11.01 -4.57
CA ALA A 15 10.20 -11.59 -5.09
C ALA A 15 9.94 -12.92 -5.76
N PRO A 16 10.76 -13.30 -6.74
CA PRO A 16 10.59 -14.61 -7.39
C PRO A 16 10.67 -15.73 -6.37
N GLY A 17 9.71 -16.63 -6.43
CA GLY A 17 9.65 -17.73 -5.51
C GLY A 17 9.02 -18.95 -6.13
N PRO A 18 8.40 -19.79 -5.29
CA PRO A 18 7.81 -21.03 -5.79
C PRO A 18 6.57 -20.81 -6.65
N PHE A 19 5.89 -19.68 -6.50
CA PHE A 19 4.62 -19.45 -7.17
C PHE A 19 4.63 -18.26 -8.11
N GLY A 20 5.70 -17.51 -8.18
CA GLY A 20 5.77 -16.37 -9.06
C GLY A 20 6.71 -15.33 -8.49
N GLY A 21 6.64 -14.14 -9.09
CA GLY A 21 7.51 -13.03 -8.74
C GLY A 21 8.41 -12.65 -9.89
N GLY A 22 9.08 -11.52 -9.70
CA GLY A 22 9.97 -10.99 -10.71
C GLY A 22 11.15 -10.21 -10.16
N THR A 23 12.29 -10.29 -10.86
CA THR A 23 13.49 -9.56 -10.47
C THR A 23 13.29 -8.06 -10.70
N PRO A 24 14.13 -7.21 -10.10
CA PRO A 24 14.00 -5.76 -10.35
C PRO A 24 14.01 -5.39 -11.82
N GLU A 25 14.67 -6.18 -12.68
CA GLU A 25 14.60 -5.95 -14.11
C GLU A 25 13.24 -6.30 -14.66
N GLU A 26 12.70 -7.46 -14.26
CA GLU A 26 11.37 -7.85 -14.72
C GLU A 26 10.30 -6.87 -14.23
N VAL A 27 10.37 -6.48 -12.96
CA VAL A 27 9.40 -5.52 -12.42
C VAL A 27 9.51 -4.18 -13.14
N ALA A 28 10.74 -3.78 -13.49
CA ALA A 28 10.91 -2.52 -14.22
C ALA A 28 10.30 -2.60 -15.62
N ALA A 29 10.49 -3.73 -16.31
CA ALA A 29 9.94 -3.85 -17.66
C ALA A 29 8.42 -3.87 -17.65
N THR A 30 7.83 -4.55 -16.67
CA THR A 30 6.37 -4.60 -16.58
C THR A 30 5.79 -3.22 -16.29
N LEU A 31 6.39 -2.50 -15.35
CA LEU A 31 5.92 -1.15 -15.02
C LEU A 31 6.01 -0.22 -16.22
N ASP A 32 7.04 -0.38 -17.06
CA ASP A 32 7.13 0.42 -18.26
C ASP A 32 6.05 0.03 -19.28
N ARG A 33 5.70 -1.26 -19.34
CA ARG A 33 4.67 -1.70 -20.27
C ARG A 33 3.28 -1.28 -19.83
N VAL A 34 3.05 -1.16 -18.52
CA VAL A 34 1.76 -0.67 -18.04
C VAL A 34 1.61 0.82 -18.35
N LYS A 35 2.67 1.59 -18.11
CA LYS A 35 2.62 3.01 -18.43
C LYS A 35 2.54 3.23 -19.94
N ALA A 36 3.11 2.33 -20.73
CA ALA A 36 3.05 2.46 -22.18
C ALA A 36 1.63 2.34 -22.70
N ALA A 37 0.78 1.55 -22.04
CA ALA A 37 -0.62 1.41 -22.44
C ALA A 37 -1.47 2.42 -21.69
N ALA A 38 -1.55 2.28 -20.37
CA ALA A 38 -2.31 3.22 -19.55
C ALA A 38 -1.56 4.55 -19.46
N PRO A 39 -2.11 5.63 -20.03
CA PRO A 39 -1.36 6.89 -20.03
C PRO A 39 -1.57 7.69 -18.75
N GLY A 40 -2.72 8.35 -18.64
CA GLY A 40 -3.01 9.21 -17.51
C GLY A 40 -3.59 8.46 -16.33
N ILE A 41 -3.04 7.30 -16.03
CA ILE A 41 -3.49 6.46 -14.92
C ILE A 41 -2.33 6.31 -13.95
N GLY A 42 -2.60 6.58 -12.67
CA GLY A 42 -1.58 6.43 -11.65
C GLY A 42 -1.28 4.97 -11.37
N ILE A 43 -0.20 4.75 -10.64
CA ILE A 43 0.26 3.41 -10.31
C ILE A 43 0.61 3.36 -8.83
N ILE A 44 0.07 2.38 -8.12
CA ILE A 44 0.34 2.17 -6.71
C ILE A 44 0.97 0.79 -6.59
N VAL A 45 2.27 0.77 -6.29
CA VAL A 45 3.02 -0.48 -6.17
C VAL A 45 3.08 -0.87 -4.70
N ASP A 46 2.55 -2.05 -4.38
CA ASP A 46 2.63 -2.59 -3.03
C ASP A 46 3.90 -3.41 -2.87
N LEU A 47 4.53 -3.30 -1.70
CA LEU A 47 5.82 -3.93 -1.47
C LEU A 47 5.87 -4.44 -0.03
N ASP A 48 6.35 -5.67 0.15
CA ASP A 48 6.50 -6.29 1.47
C ASP A 48 7.95 -6.19 1.92
N GLU A 49 8.15 -6.00 3.22
CA GLU A 49 9.49 -5.80 3.75
C GLU A 49 10.32 -7.08 3.68
N GLY A 50 11.59 -6.93 3.33
CA GLY A 50 12.52 -8.04 3.26
C GLY A 50 13.77 -7.85 4.10
N ASP A 58 24.66 -6.52 12.17
CA ASP A 58 24.81 -5.69 10.98
C ASP A 58 24.02 -6.27 9.82
N HIS A 59 23.30 -5.42 9.11
CA HIS A 59 22.49 -5.85 7.96
C HIS A 59 23.32 -5.88 6.68
N ARG A 61 23.10 -7.29 2.65
CA ARG A 61 22.79 -8.70 2.46
C ARG A 61 23.19 -9.17 1.06
N LEU A 62 22.85 -8.37 0.04
CA LEU A 62 23.23 -8.59 -1.36
C LEU A 62 22.58 -9.83 -1.98
N TYR A 63 22.72 -10.98 -1.33
CA TYR A 63 22.07 -12.21 -1.77
C TYR A 63 20.89 -12.53 -0.87
N PRO A 64 19.70 -12.79 -1.41
CA PRO A 64 18.53 -13.01 -0.57
C PRO A 64 18.68 -14.28 0.28
N GLU A 65 18.67 -14.10 1.60
CA GLU A 65 18.72 -15.22 2.52
C GLU A 65 17.46 -16.07 2.38
N GLY A 66 17.45 -16.97 1.41
CA GLY A 66 16.26 -17.73 1.11
C GLY A 66 15.37 -17.02 0.11
N ALA A 67 15.00 -17.72 -0.98
CA ALA A 67 14.17 -17.11 -2.00
C ALA A 67 12.80 -16.74 -1.46
N GLY A 68 12.09 -15.90 -2.22
CA GLY A 68 10.80 -15.41 -1.81
C GLY A 68 10.82 -14.06 -1.12
N ARG A 69 11.99 -13.44 -0.97
CA ARG A 69 12.12 -12.12 -0.36
C ARG A 69 13.20 -11.33 -1.08
N TYR A 70 12.96 -10.03 -1.26
CA TYR A 70 13.93 -9.16 -1.89
C TYR A 70 15.03 -8.76 -0.91
N THR A 71 16.15 -8.31 -1.47
CA THR A 71 17.17 -7.65 -0.66
C THR A 71 16.86 -6.16 -0.60
N LEU A 72 17.54 -5.47 0.32
CA LEU A 72 17.30 -4.04 0.46
C LEU A 72 17.72 -3.28 -0.80
N ALA A 73 18.75 -3.76 -1.49
CA ALA A 73 19.17 -3.11 -2.73
C ALA A 73 18.15 -3.32 -3.84
N GLU A 74 17.62 -4.54 -3.95
CA GLU A 74 16.61 -4.83 -4.96
C GLU A 74 15.33 -4.05 -4.69
N GLU A 75 14.97 -3.91 -3.41
CA GLU A 75 13.81 -3.09 -3.04
C GLU A 75 14.03 -1.64 -3.43
N GLN A 76 15.22 -1.11 -3.15
CA GLN A 76 15.51 0.28 -3.52
C GLN A 76 15.53 0.44 -5.03
N ALA A 77 16.07 -0.55 -5.76
CA ALA A 77 16.13 -0.46 -7.21
C ALA A 77 14.73 -0.43 -7.82
N ILE A 78 13.79 -1.16 -7.23
CA ILE A 78 12.42 -1.17 -7.74
C ILE A 78 11.75 0.16 -7.45
N VAL A 79 11.87 0.65 -6.21
CA VAL A 79 11.19 1.89 -5.83
C VAL A 79 11.73 3.05 -6.66
N ASP A 80 13.05 3.15 -6.77
CA ASP A 80 13.64 4.24 -7.53
C ASP A 80 13.20 4.22 -8.98
N HIS A 81 12.96 3.03 -9.54
CA HIS A 81 12.42 2.99 -10.89
C HIS A 81 10.93 3.33 -10.91
N ALA A 82 10.17 2.82 -9.94
CA ALA A 82 8.74 3.11 -9.90
C ALA A 82 8.50 4.59 -9.55
N LYS A 83 9.31 5.14 -8.65
CA LYS A 83 9.18 6.56 -8.32
C LYS A 83 9.47 7.43 -9.53
N ALA A 84 10.43 7.03 -10.35
CA ALA A 84 10.76 7.78 -11.56
C ALA A 84 9.61 7.77 -12.56
N LEU A 85 8.81 6.71 -12.56
CA LEU A 85 7.65 6.62 -13.43
C LEU A 85 6.46 7.41 -12.90
N GLY A 86 6.56 7.98 -11.70
CA GLY A 86 5.45 8.67 -11.07
C GLY A 86 4.57 7.81 -10.20
N ALA A 87 4.95 6.55 -9.97
CA ALA A 87 4.13 5.64 -9.20
C ALA A 87 4.31 5.91 -7.71
N GLU A 88 3.20 5.81 -6.98
CA GLU A 88 3.24 5.88 -5.52
C GLU A 88 3.59 4.50 -4.98
N ILE A 89 4.37 4.48 -3.90
CA ILE A 89 4.81 3.23 -3.27
C ILE A 89 4.05 3.08 -1.96
N CYS A 90 3.53 1.87 -1.72
CA CYS A 90 2.91 1.54 -0.45
C CYS A 90 3.70 0.38 0.15
N TYR A 91 4.36 0.63 1.27
CA TYR A 91 5.28 -0.32 1.87
C TYR A 91 4.58 -1.06 3.00
N HIS A 92 4.72 -2.39 3.01
CA HIS A 92 4.07 -3.25 4.00
C HIS A 92 5.08 -3.59 5.09
N LEU A 93 4.86 -3.05 6.29
CA LEU A 93 5.72 -3.30 7.44
C LEU A 93 5.23 -4.49 8.27
N ASN A 94 4.98 -5.62 7.61
CA ASN A 94 4.44 -6.77 8.31
C ASN A 94 5.41 -7.34 9.35
N LEU A 95 6.70 -7.07 9.22
CA LEU A 95 7.70 -7.62 10.13
C LEU A 95 7.56 -7.06 11.54
N THR A 96 6.56 -6.22 11.77
CA THR A 96 6.26 -5.75 13.12
C THR A 96 5.72 -6.85 14.02
N VAL A 97 5.36 -8.02 13.47
CA VAL A 97 4.96 -9.17 14.28
C VAL A 97 5.82 -10.40 14.00
N PHE A 98 6.88 -10.27 13.21
CA PHE A 98 7.72 -11.40 12.85
C PHE A 98 8.73 -11.69 13.95
N LEU A 99 9.50 -12.76 13.77
CA LEU A 99 10.45 -13.21 14.78
C LEU A 99 11.87 -13.23 14.23
N TRP A 116 8.28 -17.64 22.70
CA TRP A 116 7.90 -16.41 22.02
C TRP A 116 8.46 -16.37 20.61
N THR A 117 9.77 -16.54 20.50
CA THR A 117 10.47 -16.53 19.22
C THR A 117 10.87 -17.94 18.83
N TRP A 118 11.73 -18.05 17.81
CA TRP A 118 12.21 -19.33 17.27
C TRP A 118 11.06 -20.21 16.80
N THR A 119 9.93 -19.59 16.42
CA THR A 119 8.77 -20.32 15.94
C THR A 119 8.15 -19.75 14.66
N GLY A 120 8.62 -18.60 14.18
CA GLY A 120 8.07 -18.02 12.97
C GLY A 120 6.62 -17.58 13.08
N LEU A 121 6.11 -17.39 14.30
CA LEU A 121 4.73 -17.03 14.51
C LEU A 121 4.57 -15.50 14.45
N HIS A 122 3.30 -15.07 14.51
CA HIS A 122 2.98 -13.64 14.62
C HIS A 122 2.86 -13.24 16.10
N HIS A 123 3.93 -13.50 16.85
CA HIS A 123 3.96 -13.15 18.25
C HIS A 123 3.98 -11.64 18.42
N CYS A 124 3.24 -11.16 19.42
CA CYS A 124 3.07 -9.73 19.64
C CYS A 124 3.80 -9.32 20.91
N ILE A 125 4.80 -8.46 20.75
CA ILE A 125 5.57 -7.93 21.87
C ILE A 125 4.63 -7.11 22.75
N PRO A 126 5.02 -6.76 23.97
CA PRO A 126 4.18 -5.84 24.76
C PRO A 126 3.90 -4.55 24.00
N LYS A 127 2.71 -3.98 24.27
CA LYS A 127 2.32 -2.75 23.60
C LYS A 127 3.36 -1.66 23.80
N GLU A 128 3.95 -1.58 25.00
CA GLU A 128 4.97 -0.58 25.26
C GLU A 128 6.21 -0.83 24.42
N LYS A 129 6.69 -2.07 24.40
CA LYS A 129 7.88 -2.40 23.63
C LYS A 129 7.71 -2.01 22.16
N LEU A 130 6.49 -2.12 21.63
CA LEU A 130 6.25 -1.76 20.24
C LEU A 130 6.12 -0.25 20.05
N LEU A 131 5.38 0.42 20.94
CA LEU A 131 5.24 1.87 20.83
C LEU A 131 6.54 2.58 21.20
N GLU A 132 7.21 2.14 22.27
CA GLU A 132 8.36 2.90 22.76
C GLU A 132 9.58 2.73 21.87
N THR A 133 9.81 1.52 21.35
CA THR A 133 11.10 1.20 20.73
C THR A 133 10.95 0.75 19.28
N LEU A 134 10.25 -0.35 19.01
CA LEU A 134 10.37 -1.00 17.71
C LEU A 134 9.72 -0.16 16.61
N LEU A 135 8.49 0.28 16.81
CA LEU A 135 7.80 1.02 15.75
C LEU A 135 8.55 2.28 15.35
N PRO A 136 8.98 3.16 16.27
CA PRO A 136 9.87 4.26 15.84
C PRO A 136 11.14 3.76 15.20
N GLN A 137 11.69 2.65 15.70
CA GLN A 137 12.89 2.07 15.11
C GLN A 137 12.64 1.66 13.66
N LYS A 138 11.57 0.90 13.43
CA LYS A 138 11.27 0.43 12.08
C LYS A 138 10.99 1.62 11.16
N LEU A 139 10.28 2.63 11.67
CA LEU A 139 9.98 3.80 10.85
C LEU A 139 11.25 4.56 10.48
N ASP A 140 12.16 4.71 11.44
CA ASP A 140 13.42 5.38 11.15
C ASP A 140 14.22 4.61 10.10
N GLU A 141 14.33 3.29 10.27
CA GLU A 141 14.97 2.46 9.25
C GLU A 141 14.26 2.61 7.92
N LEU A 142 12.93 2.72 7.94
CA LEU A 142 12.17 2.81 6.68
C LEU A 142 12.60 4.03 5.88
N GLU A 143 12.42 5.22 6.45
CA GLU A 143 12.77 6.43 5.73
C GLU A 143 14.27 6.59 5.54
N ALA A 144 15.09 5.83 6.28
CA ALA A 144 16.52 5.81 6.00
C ALA A 144 16.82 5.05 4.72
N ALA A 145 16.05 4.01 4.40
CA ALA A 145 16.29 3.22 3.20
C ALA A 145 15.57 3.77 1.97
N PHE A 146 14.43 4.44 2.17
CA PHE A 146 13.66 5.05 1.07
C PHE A 146 13.33 6.47 1.47
N PRO A 147 14.32 7.37 1.42
CA PRO A 147 14.07 8.76 1.82
C PRO A 147 13.04 9.43 0.93
N GLY A 148 11.90 9.79 1.50
CA GLY A 148 10.89 10.56 0.78
C GLY A 148 10.39 9.91 -0.49
N LYS A 149 10.55 8.59 -0.61
CA LYS A 149 10.11 7.87 -1.80
C LYS A 149 9.04 6.83 -1.48
N LEU A 150 8.38 6.97 -0.34
CA LEU A 150 7.26 6.13 0.04
C LEU A 150 6.06 7.00 0.34
N ASP A 151 4.89 6.58 -0.13
CA ASP A 151 3.66 7.36 0.04
C ASP A 151 2.77 6.80 1.14
N TYR A 152 2.57 5.49 1.16
CA TYR A 152 1.74 4.86 2.18
C TYR A 152 2.51 3.72 2.84
N VAL A 153 2.20 3.46 4.10
CA VAL A 153 2.81 2.36 4.83
C VAL A 153 1.69 1.53 5.47
N TYR A 154 1.80 0.21 5.36
CA TYR A 154 0.82 -0.71 5.93
C TYR A 154 1.37 -1.36 7.18
N LEU A 155 0.56 -1.40 8.23
CA LEU A 155 0.88 -2.04 9.49
C LEU A 155 -0.30 -2.92 9.91
N ASP A 156 0.00 -4.10 10.43
CA ASP A 156 -1.04 -5.03 10.88
C ASP A 156 -1.44 -4.81 12.34
N ARG A 157 -1.59 -3.54 12.75
CA ARG A 157 -1.96 -3.15 14.11
C ARG A 157 -3.37 -2.58 14.19
N LEU A 158 -3.71 -1.63 13.33
CA LEU A 158 -5.07 -1.09 13.23
C LEU A 158 -6.04 -2.10 12.65
N PHE A 159 -5.55 -3.26 12.20
CA PHE A 159 -6.36 -4.32 11.61
C PHE A 159 -7.39 -4.81 12.61
N ASP A 160 -8.51 -4.09 12.72
CA ASP A 160 -9.62 -4.44 13.62
C ASP A 160 -9.11 -4.78 15.02
N GLY A 161 -8.06 -4.10 15.45
CA GLY A 161 -7.40 -4.44 16.70
C GLY A 161 -6.49 -5.63 16.53
N ARG A 162 -7.07 -6.83 16.45
CA ARG A 162 -6.31 -8.08 16.42
C ARG A 162 -5.36 -8.14 17.60
N CYS A 163 -4.17 -7.60 17.42
CA CYS A 163 -3.20 -7.47 18.50
C CYS A 163 -3.29 -6.07 19.08
N TYR A 164 -3.34 -5.99 20.41
CA TYR A 164 -3.44 -4.73 21.16
C TYR A 164 -4.78 -4.04 20.95
N ASP A 165 -5.36 -3.52 22.03
CA ASP A 165 -6.53 -2.66 21.94
C ASP A 165 -6.04 -1.23 22.15
N LEU A 166 -6.06 -0.44 21.07
CA LEU A 166 -5.44 0.87 21.07
C LEU A 166 -6.34 1.91 21.73
N THR A 167 -5.74 2.77 22.56
CA THR A 167 -6.47 3.82 23.25
C THR A 167 -6.63 5.02 22.33
N ASP A 168 -7.17 6.12 22.87
CA ASP A 168 -7.35 7.32 22.07
C ASP A 168 -6.01 7.96 21.71
N GLU A 169 -5.15 8.16 22.71
CA GLU A 169 -3.85 8.78 22.44
C GLU A 169 -2.91 7.82 21.73
N GLU A 170 -3.06 6.52 21.98
CA GLU A 170 -2.17 5.54 21.36
C GLU A 170 -2.30 5.57 19.84
N VAL A 171 -3.53 5.65 19.33
CA VAL A 171 -3.72 5.72 17.88
C VAL A 171 -3.06 6.98 17.32
N ARG A 172 -3.39 8.13 17.91
CA ARG A 172 -2.88 9.39 17.39
C ARG A 172 -1.37 9.53 17.59
N TYR A 173 -0.77 8.72 18.47
CA TYR A 173 0.68 8.71 18.59
C TYR A 173 1.32 7.98 17.42
N VAL A 174 0.75 6.84 17.03
CA VAL A 174 1.26 6.11 15.86
C VAL A 174 1.06 6.95 14.60
N LEU A 175 -0.08 7.61 14.48
CA LEU A 175 -0.30 8.48 13.33
C LEU A 175 0.72 9.61 13.30
N ASP A 176 1.12 10.11 14.47
CA ASP A 176 2.12 11.16 14.49
C ASP A 176 3.48 10.65 14.02
N LEU A 177 3.84 9.42 14.40
CA LEU A 177 5.08 8.83 13.91
C LEU A 177 5.06 8.68 12.40
N ILE A 178 3.90 8.37 11.82
CA ILE A 178 3.79 8.20 10.39
C ILE A 178 3.79 9.55 9.68
N LYS A 179 2.99 10.49 10.18
CA LYS A 179 2.93 11.82 9.59
C LYS A 179 4.23 12.59 9.78
N GLU A 180 5.01 12.27 10.82
CA GLU A 180 6.32 12.87 11.01
C GLU A 180 7.18 12.70 9.77
N ARG A 181 7.22 11.48 9.22
CA ARG A 181 8.03 11.16 8.05
C ARG A 181 7.25 11.29 6.75
N GLY A 182 6.14 12.03 6.77
CA GLY A 182 5.38 12.30 5.54
C GLY A 182 4.85 11.07 4.86
N LEU A 183 4.32 10.12 5.63
CA LEU A 183 3.78 8.89 5.09
C LEU A 183 2.26 8.89 5.22
N GLY A 184 1.62 8.15 4.32
CA GLY A 184 0.24 7.78 4.48
C GLY A 184 0.13 6.38 5.07
N ILE A 185 -1.09 5.95 5.30
CA ILE A 185 -1.34 4.65 5.90
C ILE A 185 -2.30 3.87 5.03
N LYS A 186 -2.08 2.56 4.94
CA LYS A 186 -3.00 1.63 4.32
C LYS A 186 -3.64 0.78 5.41
N ILE A 187 -4.98 0.73 5.41
CA ILE A 187 -5.72 0.02 6.44
C ILE A 187 -6.67 -0.97 5.79
N GLU A 188 -6.81 -2.13 6.41
CA GLU A 188 -7.80 -3.11 5.98
C GLU A 188 -9.13 -2.94 6.71
N SER A 189 -9.12 -2.43 7.94
CA SER A 189 -10.33 -2.26 8.72
C SER A 189 -10.63 -0.79 8.89
N THR A 190 -11.92 -0.44 8.84
CA THR A 190 -12.31 0.96 8.97
C THR A 190 -12.58 1.25 10.43
N LYS A 191 -11.91 0.51 11.32
CA LYS A 191 -12.14 0.70 12.75
C LYS A 191 -11.70 2.09 13.20
N TYR A 192 -10.55 2.56 12.73
CA TYR A 192 -9.99 3.83 13.14
C TYR A 192 -9.97 4.86 12.02
N LEU A 193 -10.77 4.66 10.97
CA LEU A 193 -10.81 5.63 9.88
C LEU A 193 -11.38 6.96 10.34
N ASP A 194 -12.31 6.94 11.30
CA ASP A 194 -12.93 8.16 11.81
C ASP A 194 -12.04 8.96 12.74
N THR A 195 -10.81 8.52 12.96
CA THR A 195 -9.80 9.35 13.60
C THR A 195 -8.59 9.62 12.72
N ILE A 196 -8.38 8.81 11.68
CA ILE A 196 -7.28 9.05 10.75
C ILE A 196 -7.53 10.33 9.96
N LEU A 197 -8.74 10.48 9.43
CA LEU A 197 -9.06 11.65 8.62
C LEU A 197 -9.05 12.93 9.45
N GLU A 198 -9.43 12.84 10.73
CA GLU A 198 -9.33 14.01 11.61
C GLU A 198 -7.89 14.41 11.83
N SER A 199 -6.97 13.45 11.81
CA SER A 199 -5.55 13.72 11.92
C SER A 199 -4.95 14.28 10.63
N GLY A 200 -5.71 14.27 9.54
CA GLY A 200 -5.28 14.89 8.31
C GLY A 200 -4.21 14.13 7.55
N VAL A 201 -4.11 12.82 7.75
CA VAL A 201 -3.12 11.99 7.09
C VAL A 201 -3.79 11.19 5.98
N LYS A 202 -3.13 11.13 4.82
CA LYS A 202 -3.67 10.40 3.68
C LYS A 202 -3.84 8.93 4.03
N VAL A 203 -4.96 8.35 3.59
CA VAL A 203 -5.31 6.98 3.93
C VAL A 203 -5.60 6.21 2.66
N LEU A 204 -5.28 4.92 2.68
CA LEU A 204 -5.55 4.00 1.58
C LEU A 204 -6.42 2.88 2.14
N VAL A 205 -7.69 2.88 1.78
CA VAL A 205 -8.65 1.89 2.27
C VAL A 205 -8.70 0.73 1.27
N ASP A 206 -8.29 -0.46 1.71
CA ASP A 206 -8.24 -1.65 0.85
C ASP A 206 -9.61 -2.33 0.89
N GLU A 207 -10.39 -2.14 -0.17
CA GLU A 207 -11.71 -2.73 -0.30
C GLU A 207 -11.73 -3.83 -1.37
N ALA A 208 -10.61 -4.52 -1.55
CA ALA A 208 -10.51 -5.58 -2.56
C ALA A 208 -10.80 -6.96 -1.96
N VAL A 209 -11.92 -7.05 -1.23
CA VAL A 209 -12.36 -8.28 -0.56
C VAL A 209 -11.25 -8.89 0.30
N LYS A 220 -14.58 -2.48 5.31
CA LYS A 220 -15.94 -2.65 5.79
C LYS A 220 -16.90 -1.76 5.01
N VAL A 221 -17.68 -0.96 5.72
CA VAL A 221 -18.60 -0.01 5.10
C VAL A 221 -18.13 1.40 5.43
N LEU A 222 -18.64 2.37 4.66
CA LEU A 222 -18.27 3.77 4.85
C LEU A 222 -19.33 4.66 4.22
N ASP A 223 -19.63 5.77 4.88
CA ASP A 223 -20.65 6.67 4.36
C ASP A 223 -20.02 7.70 3.43
N PRO A 224 -20.70 8.05 2.34
CA PRO A 224 -20.18 9.08 1.42
C PRO A 224 -19.95 10.44 2.08
N LYS A 225 -20.40 10.65 3.31
CA LYS A 225 -20.17 11.92 4.01
C LYS A 225 -18.68 12.21 4.16
N LEU A 226 -17.82 11.18 4.16
CA LEU A 226 -16.40 11.41 4.32
C LEU A 226 -15.78 12.05 3.09
N PHE A 227 -16.27 11.69 1.90
CA PHE A 227 -15.70 12.22 0.67
C PHE A 227 -16.00 13.70 0.48
N GLU A 228 -17.04 14.23 1.12
CA GLU A 228 -17.26 15.67 1.07
C GLU A 228 -16.59 16.40 2.23
N LYS A 229 -16.22 15.68 3.29
CA LYS A 229 -15.48 16.26 4.41
C LYS A 229 -13.97 16.12 4.22
N TYR A 230 -13.53 15.01 3.62
CA TYR A 230 -12.12 14.76 3.33
C TYR A 230 -11.99 14.22 1.91
N PRO A 231 -12.17 15.08 0.90
CA PRO A 231 -12.15 14.58 -0.48
C PRO A 231 -10.78 14.13 -0.94
N ASP A 232 -9.74 14.88 -0.61
CA ASP A 232 -8.41 14.66 -1.17
C ASP A 232 -7.54 13.81 -0.25
N LEU A 233 -8.15 13.10 0.70
CA LEU A 233 -7.39 12.33 1.68
C LEU A 233 -7.61 10.83 1.57
N ILE A 234 -8.74 10.38 1.04
CA ILE A 234 -9.09 8.97 0.96
C ILE A 234 -8.82 8.46 -0.45
N THR A 235 -8.18 7.30 -0.54
CA THR A 235 -8.01 6.57 -1.80
C THR A 235 -8.49 5.15 -1.57
N VAL A 236 -9.49 4.73 -2.33
CA VAL A 236 -10.13 3.43 -2.11
C VAL A 236 -9.61 2.44 -3.14
N GLU A 237 -9.06 1.33 -2.66
CA GLU A 237 -8.60 0.24 -3.51
C GLU A 237 -9.72 -0.78 -3.66
N VAL A 238 -10.10 -1.08 -4.89
CA VAL A 238 -11.23 -1.96 -5.16
C VAL A 238 -10.77 -3.13 -6.02
N LEU A 239 -11.47 -4.25 -5.86
CA LEU A 239 -11.24 -5.42 -6.69
C LEU A 239 -12.01 -5.25 -7.99
N TYR A 240 -11.30 -5.24 -9.11
CA TYR A 240 -11.92 -5.03 -10.42
C TYR A 240 -12.75 -6.25 -10.78
N GLU A 241 -14.07 -6.09 -10.78
CA GLU A 241 -14.97 -7.11 -11.30
C GLU A 241 -15.60 -6.70 -12.62
N SER A 242 -15.78 -5.40 -12.84
CA SER A 242 -16.33 -4.86 -14.08
C SER A 242 -16.30 -3.34 -14.04
N ILE A 243 -16.83 -2.68 -15.06
CA ILE A 243 -16.97 -1.22 -14.99
C ILE A 243 -17.98 -0.84 -13.92
N GLU A 244 -18.88 -1.76 -13.57
CA GLU A 244 -19.87 -1.49 -12.54
C GLU A 244 -19.22 -1.30 -11.17
N THR A 245 -18.03 -1.85 -10.97
CA THR A 245 -17.31 -1.60 -9.72
C THR A 245 -16.86 -0.15 -9.64
N ILE A 246 -16.46 0.43 -10.78
CA ILE A 246 -16.05 1.83 -10.82
C ILE A 246 -17.25 2.76 -10.73
N GLU A 247 -18.32 2.47 -11.49
CA GLU A 247 -19.50 3.33 -11.46
C GLU A 247 -20.14 3.36 -10.09
N ARG A 248 -20.16 2.21 -9.39
CA ARG A 248 -20.69 2.19 -8.02
C ARG A 248 -19.84 3.04 -7.09
N ALA A 249 -18.53 3.15 -7.37
CA ALA A 249 -17.64 3.96 -6.55
C ALA A 249 -17.75 5.44 -6.92
N LEU A 250 -17.68 5.75 -8.22
CA LEU A 250 -17.77 7.14 -8.67
C LEU A 250 -19.13 7.75 -8.37
N ALA A 251 -20.15 6.92 -8.14
CA ALA A 251 -21.46 7.45 -7.78
C ALA A 251 -21.41 8.16 -6.43
N ALA A 252 -20.60 7.66 -5.50
CA ALA A 252 -20.38 8.36 -4.23
C ALA A 252 -19.44 9.54 -4.43
N GLY A 253 -18.46 9.69 -3.56
CA GLY A 253 -17.50 10.77 -3.72
C GLY A 253 -16.25 10.30 -4.44
N VAL A 254 -15.60 9.29 -3.85
CA VAL A 254 -14.37 8.62 -4.30
C VAL A 254 -13.68 9.36 -5.44
N ARG A 255 -12.97 10.44 -5.11
CA ARG A 255 -12.20 11.15 -6.12
C ARG A 255 -10.85 10.49 -6.38
N ASN A 256 -10.50 9.47 -5.60
CA ASN A 256 -9.22 8.78 -5.72
C ASN A 256 -9.51 7.29 -5.58
N ILE A 257 -9.44 6.56 -6.68
CA ILE A 257 -9.78 5.13 -6.70
C ILE A 257 -8.62 4.34 -7.30
N ALA A 258 -8.21 3.30 -6.58
CA ALA A 258 -7.19 2.37 -7.05
C ALA A 258 -7.86 1.07 -7.43
N ILE A 259 -7.44 0.51 -8.56
CA ILE A 259 -8.02 -0.71 -9.10
C ILE A 259 -7.03 -1.83 -8.93
N HIS A 260 -7.46 -2.89 -8.25
CA HIS A 260 -6.65 -4.09 -8.04
C HIS A 260 -7.28 -5.23 -8.81
N PHE A 261 -6.51 -5.84 -9.71
CA PHE A 261 -6.99 -6.94 -10.53
C PHE A 261 -6.81 -8.27 -9.80
N GLY A 262 -7.60 -9.26 -10.22
CA GLY A 262 -7.59 -10.57 -9.59
C GLY A 262 -6.30 -11.34 -9.76
N GLY A 263 -5.90 -11.60 -11.01
CA GLY A 263 -4.68 -12.33 -11.29
C GLY A 263 -3.42 -11.58 -10.93
N VAL A 267 4.78 -11.38 -16.90
CA VAL A 267 4.63 -12.33 -15.80
C VAL A 267 3.16 -12.70 -15.59
N SER A 268 2.58 -13.35 -16.60
CA SER A 268 1.18 -13.76 -16.58
C SER A 268 0.24 -12.56 -16.44
N GLN A 269 0.25 -11.91 -15.28
CA GLN A 269 -0.61 -10.74 -15.10
C GLN A 269 -0.22 -9.58 -16.01
N LEU A 270 0.98 -9.60 -16.58
CA LEU A 270 1.37 -8.58 -17.56
C LEU A 270 0.38 -8.51 -18.72
N ASP A 271 -0.07 -9.67 -19.20
CA ASP A 271 -1.02 -9.68 -20.29
C ASP A 271 -2.45 -9.58 -19.79
N GLU A 272 -2.74 -10.14 -18.60
CA GLU A 272 -4.08 -10.04 -18.05
C GLU A 272 -4.45 -8.60 -17.74
N ILE A 273 -3.50 -7.82 -17.22
CA ILE A 273 -3.74 -6.39 -17.02
C ILE A 273 -3.76 -5.66 -18.36
N LEU A 274 -2.96 -6.11 -19.32
CA LEU A 274 -2.97 -5.51 -20.66
C LEU A 274 -4.28 -5.75 -21.40
N ASP A 275 -5.16 -6.63 -20.90
CA ASP A 275 -6.51 -6.76 -21.44
C ASP A 275 -7.38 -5.60 -20.99
N GLY A 276 -7.56 -5.44 -19.68
CA GLY A 276 -8.32 -4.36 -19.11
C GLY A 276 -7.62 -3.02 -19.08
N VAL A 277 -6.41 -2.93 -19.63
CA VAL A 277 -5.73 -1.64 -19.69
C VAL A 277 -6.38 -0.74 -20.73
N ARG A 278 -7.14 -1.31 -21.66
CA ARG A 278 -7.97 -0.53 -22.55
C ARG A 278 -9.31 -0.15 -21.93
N ALA A 279 -9.63 -0.72 -20.75
CA ALA A 279 -10.84 -0.39 -19.99
C ALA A 279 -10.77 0.94 -19.33
N ILE A 280 -9.70 1.70 -19.59
CA ILE A 280 -9.59 3.05 -19.05
C ILE A 280 -9.38 4.09 -20.15
N THR A 281 -8.93 3.69 -21.33
CA THR A 281 -8.83 4.66 -22.43
C THR A 281 -10.23 5.04 -22.91
N GLU A 282 -11.14 4.06 -22.97
CA GLU A 282 -12.52 4.30 -23.35
C GLU A 282 -13.42 4.64 -22.18
N ASN A 283 -12.97 4.42 -20.94
CA ASN A 283 -13.84 4.63 -19.78
C ASN A 283 -14.18 6.11 -19.62
N ILE A 284 -13.16 6.98 -19.72
CA ILE A 284 -13.33 8.42 -19.54
C ILE A 284 -14.10 8.71 -18.26
N LEU A 285 -15.43 8.80 -18.37
CA LEU A 285 -16.33 8.99 -17.24
C LEU A 285 -15.87 10.16 -16.35
N ALA A 286 -15.66 11.31 -16.98
CA ALA A 286 -15.23 12.50 -16.26
C ALA A 286 -15.88 13.76 -16.80
#